data_8DOC
#
_entry.id   8DOC
#
_cell.length_a   176.820
_cell.length_b   176.820
_cell.length_c   86.190
_cell.angle_alpha   90.000
_cell.angle_beta   90.000
_cell.angle_gamma   120.000
#
_symmetry.space_group_name_H-M   'P 65 2 2'
#
loop_
_entity.id
_entity.type
_entity.pdbx_description
1 polymer 'Retinoid isomerohydrolase'
2 non-polymer 'FE (II) ION'
3 non-polymer '3-CYCLOHEXYL-1-PROPYLSULFONIC ACID'
4 non-polymer 'PALMITIC ACID'
5 non-polymer (1R)-1-[3-(cyclohexylmethoxy)phenyl]-3-(methylamino)propan-1-ol
6 water water
#
_entity_poly.entity_id   1
_entity_poly.type   'polypeptide(L)'
_entity_poly.pdbx_seq_one_letter_code
;(ACE)SSQVEHPAGGYKKLFETVEELSSPLTAHVTGRIPLWLTGSLLRCGPGLFEVGSEPFYHLFDGQALLHKFDFKEGH
VTYHRRFIRTDAYVRAMTEKRIVITEFGTCAFPDPCKNIFSRFFSYFRGVEVTDNALVNIYPVGEDYYACTETNFITKVN
PETLETIKQVDLCNYVSVNGATAHPHIENDGTVYNIGNCFGKNFSIAYNIVKIPPLQADKEDPISKSEIVVQFPCSDRFK
PSYVHSFGLTPNYIVFVETPVKINLFKFLSSWSLWGANYMDCFESNETMGVWLHIADKKRKKYINNKYRTSPFNLFHHIN
TYEDHEFLIVDLCCWKGFEFVYNYLYLANLRENWEEVKKNARKAPQPEVRRYVLPLNIDKADTGKNLVTLPNTTATAILC
SDETIWLEPEVLFSGPRQAFEFPQINYQKYGGKPYTYAYGLGLNHFVPDRLCKLNVKTKETWVWQEPDSYPSEPIFVSHP
DALEEDDGVVLSVVVSPGAGQKPAYLLILNAKDLSEVARAEVEINIPVTFHGLFKKS
;
_entity_poly.pdbx_strand_id   A
#
loop_
_chem_comp.id
_chem_comp.type
_chem_comp.name
_chem_comp.formula
ACE non-polymer 'ACETYL GROUP' 'C2 H4 O'
CXS non-polymer '3-CYCLOHEXYL-1-PROPYLSULFONIC ACID' 'C9 H19 N O3 S'
FE2 non-polymer 'FE (II) ION' 'Fe 2'
PLM non-polymer 'PALMITIC ACID' 'C16 H32 O2'
SYL non-polymer (1R)-1-[3-(cyclohexylmethoxy)phenyl]-3-(methylamino)propan-1-ol 'C17 H27 N O2'
#
# COMPACT_ATOMS: atom_id res chain seq x y z
C ACE A 1 -10.02 11.99 10.55
O ACE A 1 -10.03 11.08 9.76
CH3 ACE A 1 -8.98 13.08 10.49
N SER A 2 -10.92 12.09 11.53
CA SER A 2 -12.01 11.08 11.68
C SER A 2 -13.14 11.39 10.70
N SER A 3 -14.00 10.38 10.48
CA SER A 3 -15.17 10.49 9.63
C SER A 3 -16.32 11.15 10.38
N GLN A 4 -17.27 11.70 9.62
CA GLN A 4 -18.41 12.42 10.17
C GLN A 4 -19.70 11.81 9.61
N VAL A 5 -19.69 10.53 9.20
CA VAL A 5 -20.85 9.97 8.52
C VAL A 5 -21.12 8.52 8.96
N GLU A 6 -22.40 8.17 8.87
CA GLU A 6 -22.87 6.79 8.80
C GLU A 6 -23.17 6.49 7.34
N HIS A 7 -23.36 5.20 7.02
CA HIS A 7 -23.57 4.78 5.65
C HIS A 7 -24.74 3.78 5.58
N PRO A 8 -25.93 4.14 6.11
CA PRO A 8 -27.07 3.23 6.14
C PRO A 8 -27.54 2.80 4.75
N ALA A 9 -27.35 3.66 3.74
CA ALA A 9 -27.70 3.35 2.35
C ALA A 9 -26.85 2.21 1.80
N GLY A 10 -25.65 1.97 2.35
CA GLY A 10 -24.85 0.80 1.97
C GLY A 10 -24.22 0.91 0.57
N GLY A 11 -23.97 2.13 0.10
CA GLY A 11 -23.41 2.37 -1.23
C GLY A 11 -22.01 1.81 -1.43
N TYR A 12 -21.26 1.66 -0.33
CA TYR A 12 -19.91 1.07 -0.34
C TYR A 12 -19.88 -0.32 -0.94
N LYS A 13 -21.04 -0.99 -1.05
CA LYS A 13 -21.10 -2.32 -1.64
C LYS A 13 -20.68 -2.28 -3.12
N LYS A 14 -20.82 -1.12 -3.77
CA LYS A 14 -20.44 -0.94 -5.16
C LYS A 14 -18.93 -1.06 -5.37
N LEU A 15 -18.14 -0.82 -4.31
CA LEU A 15 -16.70 -1.05 -4.30
C LEU A 15 -16.35 -2.52 -4.62
N PHE A 16 -17.27 -3.44 -4.31
CA PHE A 16 -16.97 -4.87 -4.34
C PHE A 16 -17.85 -5.58 -5.38
N GLU A 17 -18.24 -4.83 -6.42
CA GLU A 17 -19.12 -5.31 -7.47
C GLU A 17 -18.35 -5.40 -8.78
N THR A 18 -18.53 -6.53 -9.48
CA THR A 18 -17.91 -6.75 -10.78
C THR A 18 -18.22 -5.60 -11.75
N VAL A 19 -17.24 -5.28 -12.60
CA VAL A 19 -17.45 -4.37 -13.73
C VAL A 19 -16.87 -5.01 -14.99
N GLU A 20 -17.20 -4.42 -16.13
CA GLU A 20 -16.63 -4.83 -17.40
C GLU A 20 -15.50 -3.87 -17.77
N GLU A 21 -14.50 -4.38 -18.50
CA GLU A 21 -13.46 -3.54 -19.05
C GLU A 21 -14.04 -2.75 -20.23
N LEU A 22 -13.27 -1.75 -20.68
CA LEU A 22 -13.64 -0.91 -21.82
C LEU A 22 -12.85 -1.33 -23.06
N SER A 23 -13.44 -1.09 -24.24
CA SER A 23 -12.78 -1.34 -25.52
C SER A 23 -11.79 -0.22 -25.83
N SER A 24 -12.12 0.99 -25.36
CA SER A 24 -11.28 2.16 -25.51
C SER A 24 -11.73 3.20 -24.50
N PRO A 25 -10.97 4.30 -24.29
CA PRO A 25 -11.28 5.26 -23.23
C PRO A 25 -12.57 6.07 -23.39
N LEU A 26 -13.33 6.19 -22.29
CA LEU A 26 -14.42 7.14 -22.16
C LEU A 26 -13.83 8.53 -21.96
N THR A 27 -14.54 9.57 -22.42
CA THR A 27 -14.26 10.92 -22.00
C THR A 27 -14.99 11.16 -20.69
N ALA A 28 -14.29 11.79 -19.72
CA ALA A 28 -14.90 12.17 -18.46
C ALA A 28 -15.41 13.59 -18.57
N HIS A 29 -16.54 13.88 -17.92
CA HIS A 29 -17.07 15.23 -17.86
C HIS A 29 -16.41 15.97 -16.70
N VAL A 30 -15.77 17.11 -17.02
CA VAL A 30 -15.00 17.86 -16.05
C VAL A 30 -15.86 18.98 -15.46
N THR A 31 -15.85 19.08 -14.13
N THR A 31 -15.87 19.08 -14.12
CA THR A 31 -16.32 20.25 -13.40
CA THR A 31 -16.34 20.29 -13.44
C THR A 31 -15.12 20.88 -12.70
C THR A 31 -15.14 20.89 -12.71
N GLY A 32 -14.99 22.22 -12.80
CA GLY A 32 -13.82 22.93 -12.33
C GLY A 32 -12.73 23.02 -13.39
N ARG A 33 -11.63 23.71 -13.07
CA ARG A 33 -10.46 23.81 -13.94
C ARG A 33 -9.45 22.75 -13.53
N ILE A 34 -9.06 21.91 -14.48
CA ILE A 34 -7.94 21.00 -14.30
C ILE A 34 -6.64 21.78 -14.50
N PRO A 35 -5.71 21.76 -13.52
CA PRO A 35 -4.45 22.51 -13.63
C PRO A 35 -3.75 22.21 -14.96
N LEU A 36 -3.25 23.27 -15.60
CA LEU A 36 -2.59 23.16 -16.89
C LEU A 36 -1.34 22.29 -16.78
N TRP A 37 -0.71 22.27 -15.60
CA TRP A 37 0.55 21.57 -15.40
C TRP A 37 0.32 20.08 -15.16
N LEU A 38 -0.92 19.68 -14.88
CA LEU A 38 -1.24 18.29 -14.63
C LEU A 38 -1.43 17.57 -15.96
N THR A 39 -0.30 17.10 -16.51
CA THR A 39 -0.28 16.29 -17.71
C THR A 39 0.37 14.95 -17.39
N GLY A 40 -0.31 13.87 -17.76
CA GLY A 40 0.14 12.53 -17.41
C GLY A 40 -1.03 11.58 -17.17
N SER A 41 -0.73 10.44 -16.54
CA SER A 41 -1.66 9.35 -16.35
C SER A 41 -1.66 8.91 -14.89
N LEU A 42 -2.85 8.84 -14.30
CA LEU A 42 -3.03 8.14 -13.04
C LEU A 42 -3.34 6.67 -13.33
N LEU A 43 -2.46 5.77 -12.89
CA LEU A 43 -2.62 4.34 -13.07
C LEU A 43 -2.85 3.70 -11.69
N ARG A 44 -3.90 2.87 -11.58
CA ARG A 44 -4.25 2.23 -10.32
C ARG A 44 -4.67 0.79 -10.56
N CYS A 45 -4.39 -0.07 -9.57
CA CYS A 45 -4.79 -1.47 -9.63
C CYS A 45 -5.77 -1.80 -8.49
N GLY A 46 -6.71 -2.69 -8.83
CA GLY A 46 -7.68 -3.21 -7.89
C GLY A 46 -8.32 -4.47 -8.43
N PRO A 47 -9.16 -5.17 -7.63
CA PRO A 47 -9.97 -6.29 -8.14
C PRO A 47 -11.12 -5.73 -8.98
N GLY A 48 -11.46 -6.42 -10.08
CA GLY A 48 -12.55 -5.98 -10.93
C GLY A 48 -13.56 -7.08 -11.21
N LEU A 49 -13.18 -8.35 -10.94
CA LEU A 49 -14.04 -9.49 -11.17
C LEU A 49 -14.09 -10.32 -9.90
N PHE A 50 -15.26 -10.35 -9.24
CA PHE A 50 -15.39 -10.88 -7.90
C PHE A 50 -16.00 -12.28 -7.89
N GLU A 51 -16.33 -12.80 -9.08
CA GLU A 51 -16.77 -14.18 -9.24
C GLU A 51 -16.47 -14.63 -10.68
N VAL A 52 -16.23 -15.94 -10.84
CA VAL A 52 -16.10 -16.54 -12.17
C VAL A 52 -17.31 -17.43 -12.42
N GLY A 53 -18.28 -16.87 -13.17
CA GLY A 53 -19.59 -17.49 -13.34
C GLY A 53 -20.34 -17.56 -12.02
N SER A 54 -20.49 -18.77 -11.51
CA SER A 54 -21.22 -19.03 -10.28
C SER A 54 -20.27 -19.26 -9.10
N GLU A 55 -18.95 -19.30 -9.34
CA GLU A 55 -17.98 -19.51 -8.26
C GLU A 55 -17.55 -18.15 -7.69
N PRO A 56 -17.79 -17.89 -6.39
CA PRO A 56 -17.40 -16.61 -5.79
C PRO A 56 -15.93 -16.59 -5.38
N PHE A 57 -15.30 -15.41 -5.50
CA PHE A 57 -14.11 -15.09 -4.71
C PHE A 57 -14.60 -14.63 -3.33
N TYR A 58 -13.87 -15.02 -2.28
CA TYR A 58 -14.29 -14.78 -0.92
C TYR A 58 -13.64 -13.53 -0.30
N HIS A 59 -12.38 -13.25 -0.65
CA HIS A 59 -11.62 -12.22 0.04
C HIS A 59 -11.43 -10.99 -0.84
N LEU A 60 -11.29 -9.84 -0.18
CA LEU A 60 -10.98 -8.55 -0.81
C LEU A 60 -9.80 -8.64 -1.77
N PHE A 61 -8.81 -9.50 -1.48
CA PHE A 61 -7.57 -9.56 -2.26
C PHE A 61 -7.60 -10.73 -3.26
N ASP A 62 -8.79 -11.16 -3.69
CA ASP A 62 -8.95 -12.35 -4.53
C ASP A 62 -9.45 -11.99 -5.93
N GLY A 63 -10.30 -10.95 -6.02
CA GLY A 63 -10.86 -10.52 -7.29
C GLY A 63 -9.80 -10.22 -8.33
N GLN A 64 -10.15 -10.39 -9.61
CA GLN A 64 -9.16 -10.45 -10.68
C GLN A 64 -8.71 -9.04 -11.06
N ALA A 65 -7.38 -8.89 -11.20
CA ALA A 65 -6.72 -7.60 -11.33
C ALA A 65 -7.28 -6.81 -12.51
N LEU A 66 -7.56 -5.54 -12.23
CA LEU A 66 -8.07 -4.58 -13.19
C LEU A 66 -7.18 -3.34 -13.13
N LEU A 67 -6.62 -2.97 -14.30
CA LEU A 67 -5.73 -1.83 -14.43
C LEU A 67 -6.53 -0.63 -14.95
N HIS A 68 -6.50 0.49 -14.20
CA HIS A 68 -7.27 1.67 -14.49
C HIS A 68 -6.35 2.83 -14.87
N LYS A 69 -6.84 3.74 -15.73
CA LYS A 69 -6.07 4.89 -16.15
C LYS A 69 -6.98 6.10 -16.34
N PHE A 70 -6.69 7.16 -15.59
CA PHE A 70 -7.20 8.49 -15.86
C PHE A 70 -6.09 9.27 -16.56
N ASP A 71 -6.42 9.80 -17.74
CA ASP A 71 -5.43 10.39 -18.62
C ASP A 71 -5.74 11.88 -18.77
N PHE A 72 -4.74 12.74 -18.53
CA PHE A 72 -4.89 14.18 -18.64
C PHE A 72 -4.08 14.66 -19.84
N LYS A 73 -4.77 14.96 -20.95
CA LYS A 73 -4.16 15.58 -22.12
C LYS A 73 -5.09 16.66 -22.66
N GLU A 74 -4.51 17.80 -23.04
CA GLU A 74 -5.23 18.85 -23.75
C GLU A 74 -6.42 19.33 -22.92
N GLY A 75 -6.26 19.32 -21.60
CA GLY A 75 -7.31 19.77 -20.70
C GLY A 75 -8.45 18.76 -20.51
N HIS A 76 -8.64 17.86 -21.50
N HIS A 76 -8.65 17.86 -21.49
CA HIS A 76 -9.65 16.83 -21.45
CA HIS A 76 -9.71 16.86 -21.39
C HIS A 76 -9.14 15.67 -20.59
C HIS A 76 -9.16 15.62 -20.70
N VAL A 77 -10.07 14.86 -20.08
CA VAL A 77 -9.72 13.71 -19.26
C VAL A 77 -10.45 12.48 -19.79
N THR A 78 -9.71 11.37 -19.91
CA THR A 78 -10.30 10.09 -20.26
C THR A 78 -10.11 9.10 -19.13
N TYR A 79 -11.02 8.12 -19.08
CA TYR A 79 -10.93 6.96 -18.21
C TYR A 79 -10.89 5.69 -19.08
N HIS A 80 -9.99 4.76 -18.73
CA HIS A 80 -9.89 3.48 -19.40
C HIS A 80 -9.56 2.42 -18.37
N ARG A 81 -10.05 1.19 -18.59
CA ARG A 81 -9.68 0.04 -17.76
C ARG A 81 -9.64 -1.23 -18.60
N ARG A 82 -8.61 -2.05 -18.35
CA ARG A 82 -8.45 -3.37 -18.93
C ARG A 82 -8.08 -4.36 -17.83
N PHE A 83 -8.78 -5.50 -17.80
CA PHE A 83 -8.34 -6.60 -16.96
C PHE A 83 -6.93 -6.97 -17.38
N ILE A 84 -6.09 -7.33 -16.40
CA ILE A 84 -4.74 -7.80 -16.68
C ILE A 84 -4.83 -9.26 -17.08
N ARG A 85 -4.17 -9.63 -18.20
CA ARG A 85 -4.20 -10.98 -18.73
C ARG A 85 -3.15 -11.85 -18.04
N THR A 86 -3.36 -12.09 -16.74
CA THR A 86 -2.51 -12.98 -15.95
C THR A 86 -2.89 -14.43 -16.26
N ASP A 87 -2.06 -15.39 -15.84
CA ASP A 87 -2.44 -16.80 -15.91
C ASP A 87 -3.76 -17.05 -15.17
N ALA A 88 -3.91 -16.44 -13.98
CA ALA A 88 -5.10 -16.60 -13.15
C ALA A 88 -6.34 -16.19 -13.94
N TYR A 89 -6.26 -15.03 -14.60
CA TYR A 89 -7.39 -14.48 -15.33
C TYR A 89 -7.64 -15.24 -16.63
N VAL A 90 -6.57 -15.62 -17.34
CA VAL A 90 -6.68 -16.21 -18.67
C VAL A 90 -7.20 -17.64 -18.57
N ARG A 91 -6.70 -18.39 -17.58
CA ARG A 91 -7.14 -19.76 -17.37
C ARG A 91 -8.56 -19.77 -16.83
N ALA A 92 -8.96 -18.74 -16.07
CA ALA A 92 -10.32 -18.64 -15.58
C ALA A 92 -11.28 -18.39 -16.74
N MET A 93 -10.86 -17.59 -17.71
CA MET A 93 -11.67 -17.24 -18.86
C MET A 93 -11.79 -18.45 -19.80
N THR A 94 -10.71 -19.24 -19.87
CA THR A 94 -10.66 -20.41 -20.74
C THR A 94 -11.58 -21.51 -20.18
N GLU A 95 -11.40 -21.85 -18.89
CA GLU A 95 -12.10 -22.96 -18.27
C GLU A 95 -13.43 -22.51 -17.66
N LYS A 96 -13.68 -21.19 -17.61
CA LYS A 96 -14.93 -20.65 -17.10
C LYS A 96 -15.13 -21.08 -15.64
N ARG A 97 -14.04 -21.08 -14.86
CA ARG A 97 -14.08 -21.40 -13.45
C ARG A 97 -12.85 -20.80 -12.76
N ILE A 98 -12.78 -20.92 -11.42
CA ILE A 98 -11.60 -20.53 -10.68
C ILE A 98 -10.55 -21.63 -10.79
N VAL A 99 -9.44 -21.32 -11.47
CA VAL A 99 -8.38 -22.27 -11.73
C VAL A 99 -7.24 -22.07 -10.74
N ILE A 100 -6.81 -20.81 -10.53
CA ILE A 100 -5.70 -20.54 -9.62
C ILE A 100 -6.26 -20.14 -8.25
N THR A 101 -5.67 -20.71 -7.20
CA THR A 101 -5.99 -20.34 -5.83
C THR A 101 -5.54 -18.91 -5.57
N GLU A 102 -6.45 -18.12 -4.98
CA GLU A 102 -6.19 -16.75 -4.59
C GLU A 102 -5.96 -16.70 -3.08
N PHE A 103 -5.56 -15.54 -2.59
CA PHE A 103 -5.27 -15.30 -1.18
C PHE A 103 -6.27 -16.01 -0.26
N GLY A 104 -7.57 -15.76 -0.44
CA GLY A 104 -8.59 -16.34 0.43
C GLY A 104 -9.63 -17.22 -0.30
N THR A 105 -9.29 -17.74 -1.48
CA THR A 105 -10.18 -18.62 -2.22
C THR A 105 -9.41 -19.80 -2.81
N CYS A 106 -9.73 -21.01 -2.34
N CYS A 106 -9.73 -21.00 -2.32
CA CYS A 106 -9.16 -22.24 -2.89
CA CYS A 106 -9.24 -22.25 -2.89
C CYS A 106 -9.85 -22.56 -4.21
C CYS A 106 -9.87 -22.47 -4.28
N ALA A 107 -9.03 -22.86 -5.24
CA ALA A 107 -9.52 -23.42 -6.49
C ALA A 107 -9.59 -24.93 -6.32
N PHE A 108 -10.65 -25.56 -6.81
CA PHE A 108 -10.74 -27.00 -6.71
C PHE A 108 -10.43 -27.60 -8.08
N PRO A 109 -9.52 -28.61 -8.18
CA PRO A 109 -9.12 -29.19 -9.46
C PRO A 109 -10.30 -29.78 -10.24
N ASP A 110 -10.33 -29.52 -11.55
CA ASP A 110 -11.38 -29.97 -12.45
C ASP A 110 -11.13 -29.37 -13.85
N VAL A 126 1.55 -26.59 -6.22
CA VAL A 126 1.48 -25.13 -5.93
C VAL A 126 1.66 -24.36 -7.25
N GLU A 127 0.53 -24.01 -7.88
CA GLU A 127 0.52 -22.94 -8.87
C GLU A 127 0.22 -21.64 -8.14
N VAL A 128 1.24 -20.77 -8.04
CA VAL A 128 1.16 -19.53 -7.25
C VAL A 128 0.47 -18.46 -8.09
N THR A 129 -0.42 -17.69 -7.45
CA THR A 129 -1.19 -16.66 -8.15
C THR A 129 -0.26 -15.56 -8.64
N ASP A 130 -0.62 -15.03 -9.83
CA ASP A 130 0.02 -13.88 -10.43
C ASP A 130 -1.02 -12.77 -10.63
N ASN A 131 -2.11 -12.83 -9.84
CA ASN A 131 -3.21 -11.86 -9.89
C ASN A 131 -2.72 -10.52 -9.33
N ALA A 132 -2.26 -9.64 -10.25
CA ALA A 132 -1.50 -8.45 -9.86
C ALA A 132 -2.45 -7.29 -9.57
N LEU A 133 -3.27 -7.43 -8.52
CA LEU A 133 -4.38 -6.52 -8.27
C LEU A 133 -4.00 -5.37 -7.30
N VAL A 134 -2.74 -5.28 -6.87
CA VAL A 134 -2.35 -4.46 -5.72
C VAL A 134 -1.73 -3.13 -6.12
N ASN A 135 -0.72 -3.15 -7.01
CA ASN A 135 0.08 -1.95 -7.28
C ASN A 135 0.71 -2.08 -8.67
N ILE A 136 1.28 -0.96 -9.12
CA ILE A 136 2.02 -0.86 -10.36
C ILE A 136 3.22 0.05 -10.08
N TYR A 137 4.40 -0.32 -10.59
CA TYR A 137 5.59 0.47 -10.36
C TYR A 137 6.55 0.37 -11.54
N PRO A 138 7.42 1.39 -11.75
CA PRO A 138 8.41 1.38 -12.82
C PRO A 138 9.71 0.65 -12.48
N VAL A 139 10.19 -0.14 -13.46
CA VAL A 139 11.54 -0.66 -13.46
C VAL A 139 12.18 -0.30 -14.80
N GLY A 140 13.30 0.42 -14.77
CA GLY A 140 13.86 0.96 -16.01
C GLY A 140 12.81 1.78 -16.73
N GLU A 141 12.52 1.45 -17.99
CA GLU A 141 11.49 2.19 -18.72
C GLU A 141 10.22 1.36 -18.86
N ASP A 142 10.08 0.32 -18.02
CA ASP A 142 8.92 -0.56 -18.03
C ASP A 142 8.06 -0.30 -16.78
N TYR A 143 6.80 -0.76 -16.86
CA TYR A 143 5.90 -0.73 -15.72
C TYR A 143 5.41 -2.15 -15.44
N TYR A 144 5.38 -2.50 -14.13
CA TYR A 144 4.94 -3.81 -13.66
C TYR A 144 3.79 -3.67 -12.68
N ALA A 145 2.67 -4.34 -12.99
CA ALA A 145 1.65 -4.65 -12.01
C ALA A 145 2.15 -5.79 -11.12
N CYS A 146 1.76 -5.75 -9.84
CA CYS A 146 2.19 -6.76 -8.90
C CYS A 146 1.07 -7.13 -7.92
N THR A 147 1.27 -8.29 -7.30
CA THR A 147 0.67 -8.64 -6.01
C THR A 147 1.84 -8.76 -5.04
N GLU A 148 1.91 -9.87 -4.28
CA GLU A 148 2.96 -10.03 -3.28
C GLU A 148 3.70 -11.35 -3.47
N THR A 149 3.55 -11.97 -4.65
CA THR A 149 4.17 -13.26 -4.94
C THR A 149 5.44 -13.02 -5.76
N ASN A 150 5.97 -14.12 -6.32
CA ASN A 150 7.15 -14.08 -7.17
C ASN A 150 6.81 -13.58 -8.59
N PHE A 151 5.51 -13.53 -8.93
CA PHE A 151 5.08 -13.15 -10.28
C PHE A 151 4.65 -11.69 -10.34
N ILE A 152 5.36 -10.90 -11.16
CA ILE A 152 4.94 -9.55 -11.50
C ILE A 152 4.65 -9.52 -13.00
N THR A 153 3.77 -8.60 -13.40
CA THR A 153 3.27 -8.55 -14.78
C THR A 153 3.63 -7.22 -15.43
N LYS A 154 4.47 -7.26 -16.47
CA LYS A 154 4.78 -6.10 -17.29
C LYS A 154 3.52 -5.69 -18.05
N VAL A 155 3.18 -4.39 -17.96
CA VAL A 155 2.01 -3.86 -18.63
C VAL A 155 2.39 -2.62 -19.42
N ASN A 156 1.58 -2.32 -20.44
CA ASN A 156 1.74 -1.16 -21.30
C ASN A 156 1.01 0.02 -20.67
N PRO A 157 1.73 1.09 -20.24
CA PRO A 157 1.11 2.20 -19.53
C PRO A 157 0.18 3.09 -20.37
N GLU A 158 0.28 3.00 -21.70
CA GLU A 158 -0.55 3.79 -22.60
C GLU A 158 -1.85 3.05 -22.91
N THR A 159 -1.74 1.78 -23.32
CA THR A 159 -2.86 1.01 -23.83
C THR A 159 -3.47 0.09 -22.77
N LEU A 160 -2.75 -0.16 -21.66
CA LEU A 160 -3.17 -1.05 -20.58
C LEU A 160 -3.13 -2.51 -21.02
N GLU A 161 -2.45 -2.80 -22.13
CA GLU A 161 -2.27 -4.18 -22.57
C GLU A 161 -1.25 -4.87 -21.68
N THR A 162 -1.44 -6.19 -21.52
CA THR A 162 -0.54 -7.05 -20.79
C THR A 162 0.59 -7.50 -21.73
N ILE A 163 1.84 -7.39 -21.28
CA ILE A 163 2.98 -7.67 -22.13
C ILE A 163 3.54 -9.05 -21.76
N LYS A 164 3.92 -9.26 -20.49
CA LYS A 164 4.49 -10.53 -20.10
C LYS A 164 4.39 -10.79 -18.60
N GLN A 165 4.53 -12.07 -18.24
CA GLN A 165 4.73 -12.52 -16.87
C GLN A 165 6.21 -12.63 -16.61
N VAL A 166 6.66 -12.10 -15.45
CA VAL A 166 8.04 -12.19 -15.02
C VAL A 166 8.08 -12.90 -13.66
N ASP A 167 9.00 -13.86 -13.54
CA ASP A 167 9.17 -14.64 -12.33
C ASP A 167 10.48 -14.22 -11.68
N LEU A 168 10.38 -13.53 -10.53
CA LEU A 168 11.53 -12.99 -9.81
C LEU A 168 12.48 -14.10 -9.39
N CYS A 169 11.94 -15.31 -9.22
CA CYS A 169 12.73 -16.46 -8.76
C CYS A 169 13.76 -16.90 -9.81
N ASN A 170 13.55 -16.53 -11.08
CA ASN A 170 14.51 -16.76 -12.14
C ASN A 170 15.79 -15.94 -11.94
N TYR A 171 15.70 -14.88 -11.13
CA TYR A 171 16.75 -13.86 -11.05
C TYR A 171 17.35 -13.79 -9.65
N VAL A 172 16.52 -13.83 -8.60
CA VAL A 172 16.98 -13.63 -7.25
C VAL A 172 16.33 -14.66 -6.33
N SER A 173 16.95 -14.85 -5.15
CA SER A 173 16.50 -15.80 -4.16
C SER A 173 15.48 -15.16 -3.20
N VAL A 174 14.22 -15.05 -3.67
CA VAL A 174 13.08 -14.67 -2.84
C VAL A 174 11.90 -15.56 -3.21
N ASN A 175 11.04 -15.84 -2.21
CA ASN A 175 9.84 -16.64 -2.42
C ASN A 175 8.71 -15.73 -2.91
N GLY A 176 8.91 -14.41 -2.73
CA GLY A 176 7.93 -13.40 -3.09
C GLY A 176 8.52 -12.02 -2.82
N ALA A 177 7.76 -10.97 -3.15
CA ALA A 177 8.19 -9.62 -2.86
C ALA A 177 6.97 -8.72 -2.71
N THR A 178 7.12 -7.65 -1.92
CA THR A 178 6.00 -6.79 -1.59
C THR A 178 5.56 -6.02 -2.82
N ALA A 179 4.34 -5.48 -2.73
CA ALA A 179 3.81 -4.56 -3.72
C ALA A 179 4.22 -3.12 -3.41
N HIS A 180 5.16 -2.94 -2.47
CA HIS A 180 5.61 -1.62 -2.04
C HIS A 180 7.12 -1.47 -2.16
N PRO A 181 7.69 -1.62 -3.37
CA PRO A 181 9.11 -1.34 -3.57
C PRO A 181 9.35 0.15 -3.34
N HIS A 182 10.55 0.49 -2.83
CA HIS A 182 11.02 1.86 -2.83
C HIS A 182 11.79 2.13 -4.12
N ILE A 183 11.66 3.36 -4.63
CA ILE A 183 12.31 3.77 -5.86
C ILE A 183 13.11 5.04 -5.60
N GLU A 184 14.42 4.95 -5.79
CA GLU A 184 15.30 6.11 -5.66
C GLU A 184 15.15 7.03 -6.87
N ASN A 185 15.67 8.24 -6.75
CA ASN A 185 15.47 9.27 -7.77
C ASN A 185 16.11 8.82 -9.08
N ASP A 186 17.16 8.01 -9.04
CA ASP A 186 17.82 7.54 -10.25
C ASP A 186 17.15 6.30 -10.85
N GLY A 187 16.05 5.81 -10.26
CA GLY A 187 15.30 4.69 -10.83
C GLY A 187 15.64 3.34 -10.19
N THR A 188 16.67 3.31 -9.34
CA THR A 188 17.01 2.14 -8.55
C THR A 188 15.82 1.70 -7.69
N VAL A 189 15.48 0.40 -7.77
CA VAL A 189 14.33 -0.14 -7.09
C VAL A 189 14.82 -1.04 -5.95
N TYR A 190 14.29 -0.82 -4.74
CA TYR A 190 14.52 -1.73 -3.63
C TYR A 190 13.22 -2.43 -3.24
N ASN A 191 13.32 -3.70 -2.84
CA ASN A 191 12.17 -4.44 -2.33
C ASN A 191 12.64 -5.46 -1.31
N ILE A 192 11.69 -6.10 -0.62
CA ILE A 192 11.96 -7.12 0.40
C ILE A 192 11.03 -8.31 0.18
N GLY A 193 11.55 -9.51 0.47
CA GLY A 193 10.76 -10.74 0.40
C GLY A 193 11.33 -11.83 1.30
N ASN A 194 10.47 -12.78 1.68
CA ASN A 194 10.84 -13.98 2.42
C ASN A 194 11.78 -14.84 1.56
N CYS A 195 12.68 -15.59 2.22
CA CYS A 195 13.62 -16.48 1.55
C CYS A 195 14.04 -17.59 2.50
N PHE A 196 15.07 -18.35 2.10
CA PHE A 196 15.68 -19.37 2.95
C PHE A 196 17.12 -18.96 3.29
N GLY A 197 17.52 -19.17 4.55
CA GLY A 197 18.89 -18.87 4.99
C GLY A 197 19.89 -19.87 4.44
N ILE A 202 15.29 -19.59 7.27
CA ILE A 202 14.32 -18.50 6.92
C ILE A 202 14.95 -17.14 7.20
N ALA A 203 14.83 -16.25 6.22
CA ALA A 203 15.34 -14.89 6.34
C ALA A 203 14.51 -13.98 5.44
N TYR A 204 14.84 -12.68 5.43
CA TYR A 204 14.21 -11.74 4.54
C TYR A 204 15.30 -11.03 3.73
N ASN A 205 15.16 -11.06 2.41
CA ASN A 205 16.18 -10.56 1.51
C ASN A 205 15.72 -9.22 0.95
N ILE A 206 16.62 -8.24 0.98
CA ILE A 206 16.46 -7.01 0.24
C ILE A 206 16.99 -7.21 -1.18
N VAL A 207 16.09 -7.00 -2.15
CA VAL A 207 16.39 -7.02 -3.57
C VAL A 207 16.65 -5.60 -4.04
N LYS A 208 17.69 -5.43 -4.87
CA LYS A 208 18.01 -4.18 -5.54
C LYS A 208 18.02 -4.40 -7.05
N ILE A 209 17.23 -3.60 -7.77
CA ILE A 209 17.22 -3.57 -9.23
C ILE A 209 17.83 -2.25 -9.68
N PRO A 210 18.92 -2.24 -10.48
CA PRO A 210 19.53 -0.98 -10.90
C PRO A 210 18.71 -0.16 -11.91
N PRO A 211 19.10 1.10 -12.18
CA PRO A 211 18.51 1.86 -13.27
C PRO A 211 18.86 1.25 -14.62
N LEU A 212 18.14 1.66 -15.67
CA LEU A 212 18.47 1.27 -17.02
C LEU A 212 19.85 1.85 -17.36
N GLN A 213 20.70 1.01 -17.96
CA GLN A 213 22.04 1.41 -18.38
C GLN A 213 22.03 1.79 -19.86
N ALA A 214 23.20 2.24 -20.33
CA ALA A 214 23.42 2.47 -21.75
C ALA A 214 23.17 1.16 -22.53
N ASP A 215 23.74 0.06 -22.04
CA ASP A 215 23.64 -1.25 -22.69
C ASP A 215 22.18 -1.65 -22.91
N LYS A 216 21.25 -1.03 -22.18
CA LYS A 216 19.83 -1.11 -22.46
C LYS A 216 19.26 -2.49 -22.09
N GLU A 217 20.06 -3.37 -21.47
CA GLU A 217 19.58 -4.68 -21.08
C GLU A 217 18.60 -4.52 -19.91
N ASP A 218 17.62 -5.42 -19.85
CA ASP A 218 16.54 -5.35 -18.89
C ASP A 218 17.12 -5.32 -17.47
N PRO A 219 16.88 -4.23 -16.69
CA PRO A 219 17.43 -4.11 -15.33
C PRO A 219 17.10 -5.28 -14.41
N ILE A 220 15.99 -5.98 -14.64
CA ILE A 220 15.64 -7.11 -13.77
C ILE A 220 16.72 -8.18 -13.84
N SER A 221 17.35 -8.35 -15.00
CA SER A 221 18.41 -9.34 -15.17
C SER A 221 19.64 -8.99 -14.34
N LYS A 222 19.71 -7.76 -13.77
CA LYS A 222 20.82 -7.33 -12.94
C LYS A 222 20.44 -7.28 -11.45
N SER A 223 19.24 -7.79 -11.11
CA SER A 223 18.81 -7.90 -9.73
C SER A 223 19.89 -8.57 -8.89
N GLU A 224 20.01 -8.14 -7.63
CA GLU A 224 20.81 -8.86 -6.64
C GLU A 224 20.21 -8.70 -5.25
N ILE A 225 20.51 -9.67 -4.37
CA ILE A 225 20.30 -9.53 -2.93
C ILE A 225 21.46 -8.71 -2.38
N VAL A 226 21.17 -7.65 -1.62
CA VAL A 226 22.22 -6.79 -1.08
C VAL A 226 22.37 -6.98 0.42
N VAL A 227 21.28 -7.32 1.11
CA VAL A 227 21.39 -7.55 2.55
C VAL A 227 20.26 -8.48 2.98
N GLN A 228 20.50 -9.18 4.09
CA GLN A 228 19.57 -10.13 4.62
C GLN A 228 19.24 -9.79 6.08
N PHE A 229 17.94 -9.80 6.40
CA PHE A 229 17.46 -9.65 7.75
C PHE A 229 17.19 -11.04 8.34
N PRO A 230 17.55 -11.27 9.62
CA PRO A 230 17.25 -12.54 10.29
C PRO A 230 15.76 -12.64 10.61
N CYS A 231 15.28 -13.86 10.87
CA CYS A 231 13.90 -14.12 11.22
C CYS A 231 13.81 -14.53 12.69
N SER A 232 12.74 -14.08 13.36
CA SER A 232 12.52 -14.32 14.78
C SER A 232 12.24 -15.79 15.09
N ASP A 233 11.74 -16.52 14.08
CA ASP A 233 11.30 -17.90 14.24
C ASP A 233 11.93 -18.71 13.10
N ARG A 234 12.64 -19.77 13.48
CA ARG A 234 13.34 -20.67 12.58
C ARG A 234 12.53 -20.99 11.33
N PHE A 235 11.25 -21.34 11.49
CA PHE A 235 10.45 -21.91 10.41
C PHE A 235 9.30 -21.00 9.97
N LYS A 236 9.08 -19.88 10.66
CA LYS A 236 7.89 -19.08 10.43
C LYS A 236 8.29 -17.63 10.15
N PRO A 237 8.27 -17.18 8.88
CA PRO A 237 8.53 -15.78 8.56
C PRO A 237 7.31 -14.95 8.95
N SER A 238 7.54 -13.68 9.31
CA SER A 238 6.44 -12.74 9.45
C SER A 238 5.98 -12.32 8.06
N TYR A 239 4.68 -12.04 7.96
CA TYR A 239 4.11 -11.35 6.82
C TYR A 239 4.75 -9.96 6.74
N VAL A 240 5.20 -9.56 5.55
CA VAL A 240 5.75 -8.25 5.33
C VAL A 240 5.05 -7.60 4.14
N HIS A 241 4.59 -6.37 4.36
CA HIS A 241 3.79 -5.66 3.38
C HIS A 241 4.55 -4.48 2.78
N SER A 242 5.44 -3.87 3.58
CA SER A 242 6.23 -2.72 3.14
C SER A 242 7.43 -2.60 4.07
N PHE A 243 8.29 -1.61 3.78
CA PHE A 243 9.50 -1.37 4.58
C PHE A 243 9.92 0.08 4.41
N GLY A 244 10.90 0.50 5.23
CA GLY A 244 11.40 1.87 5.22
C GLY A 244 12.77 1.95 4.54
N LEU A 245 13.00 3.08 3.84
CA LEU A 245 14.27 3.36 3.18
C LEU A 245 14.62 4.83 3.38
N THR A 246 15.87 5.07 3.82
CA THR A 246 16.46 6.40 3.86
C THR A 246 17.69 6.37 2.96
N PRO A 247 18.41 7.49 2.75
CA PRO A 247 19.64 7.46 1.96
C PRO A 247 20.64 6.44 2.50
N ASN A 248 20.70 6.28 3.83
CA ASN A 248 21.75 5.47 4.46
C ASN A 248 21.24 4.17 5.09
N TYR A 249 19.93 3.98 5.22
CA TYR A 249 19.42 2.86 6.03
C TYR A 249 18.19 2.20 5.42
N ILE A 250 18.03 0.92 5.75
CA ILE A 250 16.85 0.13 5.45
C ILE A 250 16.22 -0.24 6.78
N VAL A 251 14.89 -0.07 6.91
CA VAL A 251 14.18 -0.43 8.13
C VAL A 251 13.15 -1.50 7.80
N PHE A 252 13.19 -2.61 8.55
CA PHE A 252 12.25 -3.70 8.41
C PHE A 252 11.56 -3.93 9.75
N VAL A 253 10.22 -3.98 9.74
CA VAL A 253 9.44 -4.19 10.93
C VAL A 253 8.85 -5.60 10.92
N GLU A 254 9.28 -6.41 11.89
CA GLU A 254 8.91 -7.81 11.98
C GLU A 254 7.77 -7.97 12.98
N THR A 255 6.58 -8.30 12.46
CA THR A 255 5.34 -8.27 13.21
C THR A 255 4.98 -9.70 13.65
N PRO A 256 4.06 -9.85 14.63
CA PRO A 256 3.64 -11.17 15.10
C PRO A 256 2.67 -11.93 14.18
N VAL A 257 2.31 -11.37 13.04
CA VAL A 257 1.56 -12.11 12.03
C VAL A 257 2.52 -13.04 11.29
N LYS A 258 2.41 -14.35 11.55
CA LYS A 258 3.36 -15.31 11.04
C LYS A 258 2.74 -16.18 9.95
N ILE A 259 3.58 -16.62 9.02
CA ILE A 259 3.21 -17.58 7.99
C ILE A 259 3.71 -18.95 8.44
N ASN A 260 2.80 -19.91 8.54
CA ASN A 260 3.12 -21.24 9.03
C ASN A 260 3.56 -22.12 7.86
N TRP A 271 -6.21 -30.64 2.67
CA TRP A 271 -6.09 -30.82 1.20
C TRP A 271 -6.24 -29.46 0.49
N GLY A 272 -7.38 -28.80 0.72
CA GLY A 272 -7.74 -27.57 0.02
C GLY A 272 -7.57 -26.31 0.87
N ALA A 273 -6.33 -25.83 0.98
CA ALA A 273 -5.99 -24.65 1.74
C ALA A 273 -5.74 -23.46 0.82
N ASN A 274 -5.93 -22.25 1.36
CA ASN A 274 -5.55 -21.03 0.66
C ASN A 274 -4.43 -20.36 1.46
N TYR A 275 -4.04 -19.14 1.06
CA TYR A 275 -2.93 -18.46 1.70
C TYR A 275 -3.33 -18.01 3.11
N MET A 276 -4.54 -17.47 3.23
CA MET A 276 -5.08 -16.99 4.50
C MET A 276 -5.02 -18.08 5.58
N ASP A 277 -5.26 -19.35 5.21
CA ASP A 277 -5.27 -20.46 6.16
C ASP A 277 -3.90 -20.71 6.79
N CYS A 278 -2.83 -20.17 6.19
CA CYS A 278 -1.49 -20.44 6.69
C CYS A 278 -1.04 -19.40 7.73
N PHE A 279 -1.81 -18.31 7.90
CA PHE A 279 -1.38 -17.25 8.81
C PHE A 279 -1.81 -17.58 10.24
N GLU A 280 -0.96 -17.20 11.19
CA GLU A 280 -1.26 -17.32 12.60
C GLU A 280 -0.60 -16.15 13.34
N SER A 281 -0.98 -15.96 14.60
CA SER A 281 -0.47 -14.87 15.40
C SER A 281 0.45 -15.40 16.49
N ASN A 282 1.67 -14.84 16.56
CA ASN A 282 2.59 -15.12 17.66
C ASN A 282 2.23 -14.17 18.80
N GLU A 283 1.84 -14.74 19.96
CA GLU A 283 1.22 -13.95 21.02
C GLU A 283 2.27 -13.27 21.90
N THR A 284 3.51 -13.78 21.90
CA THR A 284 4.51 -13.43 22.90
C THR A 284 5.63 -12.55 22.35
N MET A 285 5.88 -12.52 21.03
CA MET A 285 7.09 -11.89 20.50
C MET A 285 7.00 -10.36 20.43
N GLY A 286 5.78 -9.82 20.34
CA GLY A 286 5.61 -8.40 20.09
C GLY A 286 6.07 -8.03 18.68
N VAL A 287 6.66 -6.84 18.54
CA VAL A 287 7.22 -6.42 17.27
C VAL A 287 8.74 -6.29 17.42
N TRP A 288 9.47 -6.88 16.46
CA TRP A 288 10.92 -6.72 16.36
C TRP A 288 11.25 -5.74 15.22
N LEU A 289 12.02 -4.69 15.52
CA LEU A 289 12.40 -3.74 14.48
C LEU A 289 13.89 -3.91 14.15
N HIS A 290 14.20 -3.72 12.87
CA HIS A 290 15.49 -4.10 12.31
C HIS A 290 16.01 -2.99 11.41
N ILE A 291 17.31 -2.69 11.53
CA ILE A 291 17.96 -1.73 10.65
C ILE A 291 19.12 -2.41 9.94
N ALA A 292 19.37 -1.97 8.69
CA ALA A 292 20.57 -2.36 7.96
C ALA A 292 21.19 -1.11 7.32
N ASP A 293 22.52 -1.05 7.38
CA ASP A 293 23.30 -0.03 6.66
C ASP A 293 23.17 -0.27 5.16
N LYS A 294 22.64 0.73 4.43
CA LYS A 294 22.26 0.52 3.04
C LYS A 294 23.51 0.44 2.15
N LYS A 295 24.47 1.34 2.42
CA LYS A 295 25.61 1.51 1.54
C LYS A 295 26.68 0.46 1.85
N ARG A 296 26.84 0.09 3.13
CA ARG A 296 27.80 -0.94 3.49
C ARG A 296 27.17 -2.32 3.43
N LYS A 297 25.86 -2.41 3.14
CA LYS A 297 25.12 -3.65 3.03
C LYS A 297 25.36 -4.56 4.22
N LYS A 298 25.11 -4.03 5.43
CA LYS A 298 25.30 -4.74 6.69
C LYS A 298 24.02 -4.67 7.52
N TYR A 299 23.57 -5.82 8.03
CA TYR A 299 22.60 -5.85 9.11
C TYR A 299 23.24 -5.28 10.37
N ILE A 300 22.51 -4.43 11.10
CA ILE A 300 22.98 -3.92 12.37
C ILE A 300 22.33 -4.72 13.50
N ASN A 301 23.15 -5.16 14.45
CA ASN A 301 22.70 -6.03 15.53
C ASN A 301 22.21 -5.19 16.69
N ASN A 302 21.10 -4.50 16.46
CA ASN A 302 20.39 -3.77 17.49
C ASN A 302 19.01 -4.41 17.64
N LYS A 303 18.70 -4.85 18.86
CA LYS A 303 17.48 -5.59 19.12
C LYS A 303 16.39 -4.61 19.56
N TYR A 304 15.81 -3.90 18.59
CA TYR A 304 14.69 -3.01 18.85
C TYR A 304 13.43 -3.86 19.05
N ARG A 305 12.71 -3.56 20.14
CA ARG A 305 11.56 -4.35 20.56
C ARG A 305 10.42 -3.41 20.98
N THR A 306 9.17 -3.81 20.66
CA THR A 306 8.01 -3.11 21.20
C THR A 306 6.79 -4.03 21.24
N SER A 307 5.66 -3.44 21.63
CA SER A 307 4.37 -4.09 21.79
C SER A 307 3.84 -4.61 20.44
N PRO A 308 2.87 -5.56 20.46
CA PRO A 308 2.30 -6.12 19.24
C PRO A 308 1.39 -5.17 18.45
N PHE A 309 1.60 -5.16 17.13
CA PHE A 309 0.72 -4.48 16.19
C PHE A 309 0.84 -5.15 14.83
N ASN A 310 -0.22 -5.02 14.01
CA ASN A 310 -0.11 -5.25 12.58
C ASN A 310 0.44 -3.97 11.94
N LEU A 311 1.17 -4.16 10.84
CA LEU A 311 1.66 -3.07 10.01
C LEU A 311 1.53 -3.46 8.54
N PHE A 312 0.84 -2.61 7.77
CA PHE A 312 0.78 -2.76 6.32
C PHE A 312 1.65 -1.67 5.70
N HIS A 313 1.44 -0.41 6.08
CA HIS A 313 2.06 0.71 5.39
C HIS A 313 2.96 1.53 6.29
N HIS A 314 4.25 1.57 5.90
CA HIS A 314 5.15 2.65 6.29
C HIS A 314 4.66 3.97 5.67
N ILE A 315 4.79 5.09 6.40
CA ILE A 315 4.46 6.40 5.83
C ILE A 315 5.73 7.06 5.25
N ASN A 316 6.74 7.21 6.08
CA ASN A 316 8.01 7.76 5.64
C ASN A 316 9.01 7.44 6.74
N THR A 317 10.29 7.48 6.38
CA THR A 317 11.40 7.20 7.26
C THR A 317 12.49 8.23 6.97
N TYR A 318 13.19 8.70 8.00
CA TYR A 318 14.26 9.66 7.76
C TYR A 318 15.24 9.69 8.93
N GLU A 319 16.41 10.29 8.65
CA GLU A 319 17.51 10.38 9.60
C GLU A 319 17.48 11.74 10.26
N ASP A 320 17.63 11.74 11.59
CA ASP A 320 17.70 12.98 12.35
C ASP A 320 18.78 12.80 13.42
N HIS A 321 19.97 13.38 13.17
CA HIS A 321 21.14 13.14 14.01
C HIS A 321 21.36 11.64 14.14
N GLU A 322 21.63 11.12 15.32
CA GLU A 322 22.00 9.71 15.38
C GLU A 322 20.76 8.79 15.44
N PHE A 323 19.63 9.16 14.81
CA PHE A 323 18.36 8.48 15.03
C PHE A 323 17.60 8.31 13.73
N LEU A 324 16.85 7.21 13.64
CA LEU A 324 15.89 7.00 12.56
C LEU A 324 14.50 7.32 13.06
N ILE A 325 13.78 8.13 12.29
CA ILE A 325 12.38 8.46 12.54
C ILE A 325 11.52 7.54 11.66
N VAL A 326 10.66 6.74 12.29
CA VAL A 326 9.93 5.69 11.59
C VAL A 326 8.43 5.90 11.81
N ASP A 327 7.77 6.49 10.82
CA ASP A 327 6.35 6.80 10.87
C ASP A 327 5.58 5.64 10.23
N LEU A 328 4.57 5.12 10.96
CA LEU A 328 3.88 3.88 10.62
C LEU A 328 2.37 4.04 10.79
N CYS A 329 1.61 3.37 9.91
CA CYS A 329 0.18 3.12 10.10
C CYS A 329 0.01 1.76 10.79
N CYS A 330 -0.29 1.81 12.09
CA CYS A 330 -0.32 0.61 12.92
C CYS A 330 -1.77 0.17 13.15
N TRP A 331 -1.91 -1.13 13.46
CA TRP A 331 -3.15 -1.67 13.98
C TRP A 331 -2.83 -2.35 15.31
N LYS A 332 -3.43 -1.83 16.39
CA LYS A 332 -3.07 -2.22 17.75
C LYS A 332 -3.72 -3.57 18.05
N GLY A 333 -2.86 -4.60 18.12
CA GLY A 333 -3.30 -5.99 18.31
C GLY A 333 -2.44 -6.94 17.51
N PHE A 334 -2.52 -8.25 17.82
CA PHE A 334 -1.76 -9.24 17.06
C PHE A 334 -2.65 -10.07 16.15
N GLU A 335 -3.98 -9.98 16.29
CA GLU A 335 -4.88 -10.64 15.35
C GLU A 335 -4.69 -10.05 13.96
N PHE A 336 -4.70 -10.91 12.94
CA PHE A 336 -4.49 -10.49 11.56
C PHE A 336 -5.69 -9.70 11.08
N VAL A 337 -5.45 -8.46 10.68
CA VAL A 337 -6.49 -7.51 10.31
C VAL A 337 -7.20 -7.98 9.04
N TYR A 338 -6.52 -8.80 8.23
CA TYR A 338 -7.09 -9.30 6.98
C TYR A 338 -8.27 -10.24 7.25
N ASN A 339 -8.37 -10.77 8.49
CA ASN A 339 -9.52 -11.55 8.94
C ASN A 339 -10.83 -10.80 8.76
N TYR A 340 -10.79 -9.46 8.82
CA TYR A 340 -11.97 -8.62 8.78
C TYR A 340 -12.31 -8.17 7.36
N LEU A 341 -11.62 -8.72 6.34
CA LEU A 341 -11.74 -8.17 4.99
C LEU A 341 -12.25 -9.21 3.99
N TYR A 342 -13.06 -10.17 4.46
CA TYR A 342 -13.81 -11.02 3.56
C TYR A 342 -14.94 -10.21 2.91
N LEU A 343 -15.20 -10.49 1.63
CA LEU A 343 -16.16 -9.74 0.84
C LEU A 343 -17.56 -9.84 1.45
N ALA A 344 -17.92 -11.00 2.01
CA ALA A 344 -19.24 -11.17 2.61
C ALA A 344 -19.44 -10.19 3.77
N ASN A 345 -18.40 -9.95 4.57
CA ASN A 345 -18.48 -9.02 5.68
C ASN A 345 -18.50 -7.58 5.19
N LEU A 346 -17.72 -7.27 4.16
CA LEU A 346 -17.64 -5.91 3.63
C LEU A 346 -18.91 -5.52 2.86
N ARG A 347 -19.73 -6.52 2.46
CA ARG A 347 -20.97 -6.25 1.72
C ARG A 347 -22.19 -6.20 2.63
N GLU A 348 -22.01 -6.37 3.95
CA GLU A 348 -23.14 -6.30 4.86
C GLU A 348 -23.65 -4.88 4.95
N ASN A 349 -24.82 -4.73 5.58
CA ASN A 349 -25.40 -3.44 5.87
C ASN A 349 -24.61 -2.79 7.02
N TRP A 350 -24.77 -1.47 7.13
CA TRP A 350 -23.86 -0.61 7.86
C TRP A 350 -23.80 -0.97 9.35
N GLU A 351 -24.95 -1.23 9.97
CA GLU A 351 -24.98 -1.58 11.39
C GLU A 351 -24.15 -2.84 11.64
N GLU A 352 -24.21 -3.80 10.73
N GLU A 352 -24.23 -3.79 10.71
CA GLU A 352 -23.49 -5.06 10.91
CA GLU A 352 -23.53 -5.06 10.83
C GLU A 352 -21.99 -4.86 10.64
C GLU A 352 -22.03 -4.86 10.63
N VAL A 353 -21.65 -3.97 9.71
CA VAL A 353 -20.26 -3.68 9.41
C VAL A 353 -19.58 -3.07 10.65
N LYS A 354 -20.26 -2.12 11.31
CA LYS A 354 -19.72 -1.53 12.53
C LYS A 354 -19.56 -2.60 13.62
N LYS A 355 -20.58 -3.46 13.78
CA LYS A 355 -20.53 -4.47 14.82
C LYS A 355 -19.40 -5.45 14.54
N ASN A 356 -19.14 -5.74 13.26
CA ASN A 356 -18.12 -6.71 12.87
C ASN A 356 -16.72 -6.21 13.25
N ALA A 357 -16.53 -4.89 13.26
CA ALA A 357 -15.23 -4.28 13.53
C ALA A 357 -14.99 -4.06 15.03
N ARG A 358 -15.98 -4.36 15.89
CA ARG A 358 -15.91 -4.00 17.30
C ARG A 358 -14.67 -4.58 17.99
N LYS A 359 -14.28 -5.80 17.63
CA LYS A 359 -13.18 -6.47 18.31
C LYS A 359 -11.94 -6.53 17.43
N ALA A 360 -11.94 -5.74 16.34
CA ALA A 360 -10.77 -5.62 15.49
C ALA A 360 -9.68 -4.83 16.19
N PRO A 361 -8.40 -5.03 15.79
CA PRO A 361 -7.32 -4.11 16.17
C PRO A 361 -7.69 -2.66 15.85
N GLN A 362 -7.28 -1.74 16.72
CA GLN A 362 -7.56 -0.32 16.54
C GLN A 362 -6.45 0.31 15.72
N PRO A 363 -6.79 1.08 14.66
CA PRO A 363 -5.78 1.76 13.84
C PRO A 363 -5.20 2.95 14.60
N GLU A 364 -3.93 3.26 14.31
CA GLU A 364 -3.23 4.36 14.96
C GLU A 364 -1.96 4.70 14.18
N VAL A 365 -1.76 5.98 13.87
CA VAL A 365 -0.51 6.43 13.30
C VAL A 365 0.49 6.66 14.43
N ARG A 366 1.66 6.02 14.31
CA ARG A 366 2.69 6.05 15.33
C ARG A 366 4.04 6.44 14.73
N ARG A 367 4.76 7.29 15.47
CA ARG A 367 6.17 7.58 15.21
C ARG A 367 7.04 6.82 16.21
N TYR A 368 7.92 5.95 15.69
CA TYR A 368 8.98 5.33 16.49
C TYR A 368 10.30 6.02 16.17
N VAL A 369 11.21 6.09 17.16
CA VAL A 369 12.52 6.68 16.98
C VAL A 369 13.59 5.67 17.44
N LEU A 370 14.46 5.25 16.49
CA LEU A 370 15.45 4.20 16.69
C LEU A 370 16.85 4.82 16.84
N PRO A 371 17.49 4.74 18.04
CA PRO A 371 18.84 5.25 18.20
C PRO A 371 19.85 4.37 17.45
N LEU A 372 20.77 5.03 16.74
CA LEU A 372 21.83 4.37 16.01
C LEU A 372 23.13 4.32 16.84
N ASN A 373 23.35 5.28 17.75
CA ASN A 373 24.60 5.38 18.49
C ASN A 373 24.32 5.07 19.96
N ILE A 374 24.34 3.77 20.30
CA ILE A 374 23.94 3.27 21.61
C ILE A 374 25.14 3.02 22.54
N ASP A 375 25.18 3.74 23.67
CA ASP A 375 26.22 3.61 24.67
C ASP A 375 25.71 2.77 25.85
N LYS A 376 26.44 1.68 26.15
CA LYS A 376 26.12 0.75 27.22
C LYS A 376 26.04 1.45 28.59
N ALA A 377 26.75 2.58 28.75
CA ALA A 377 26.69 3.39 29.95
C ALA A 377 25.27 3.92 30.19
N ASP A 378 24.43 3.95 29.15
CA ASP A 378 23.07 4.45 29.27
C ASP A 378 22.08 3.32 29.53
N THR A 379 22.56 2.13 29.92
CA THR A 379 21.68 1.03 30.27
C THR A 379 20.65 1.51 31.30
N GLY A 380 19.37 1.25 31.01
CA GLY A 380 18.27 1.56 31.93
C GLY A 380 17.59 2.89 31.62
N LYS A 381 18.16 3.67 30.69
CA LYS A 381 17.66 5.01 30.42
C LYS A 381 17.10 5.11 29.00
N ASN A 382 16.40 6.23 28.77
CA ASN A 382 15.81 6.60 27.50
C ASN A 382 16.90 7.21 26.64
N LEU A 383 17.13 6.60 25.46
CA LEU A 383 18.19 7.02 24.55
C LEU A 383 17.74 8.12 23.59
N VAL A 384 16.43 8.45 23.55
CA VAL A 384 15.94 9.38 22.53
C VAL A 384 16.04 10.81 23.07
N THR A 385 17.13 11.48 22.68
CA THR A 385 17.53 12.76 23.24
C THR A 385 17.07 13.91 22.33
N LEU A 386 16.46 13.58 21.19
CA LEU A 386 15.90 14.59 20.30
C LEU A 386 14.95 15.50 21.08
N PRO A 387 14.87 16.80 20.72
CA PRO A 387 14.06 17.76 21.47
C PRO A 387 12.57 17.83 21.15
N ASN A 388 12.16 17.31 19.99
CA ASN A 388 10.80 17.53 19.52
C ASN A 388 10.05 16.20 19.34
N THR A 389 10.29 15.21 20.21
CA THR A 389 9.53 13.97 20.19
C THR A 389 9.26 13.47 21.60
N THR A 390 8.19 12.67 21.75
CA THR A 390 7.91 11.96 23.00
C THR A 390 8.12 10.45 22.87
N ALA A 391 8.53 9.99 21.69
CA ALA A 391 8.98 8.61 21.52
C ALA A 391 10.20 8.36 22.39
N THR A 392 10.31 7.13 22.89
CA THR A 392 11.36 6.69 23.80
C THR A 392 11.98 5.38 23.30
N ALA A 393 13.20 5.11 23.78
CA ALA A 393 13.91 3.87 23.51
C ALA A 393 14.77 3.53 24.71
N ILE A 394 14.41 2.46 25.44
CA ILE A 394 15.08 2.12 26.69
C ILE A 394 16.06 0.99 26.43
N LEU A 395 17.34 1.23 26.73
CA LEU A 395 18.35 0.19 26.68
C LEU A 395 18.24 -0.70 27.92
N CYS A 396 17.97 -1.99 27.70
CA CYS A 396 17.88 -2.96 28.77
C CYS A 396 19.22 -3.69 28.94
N SER A 397 19.34 -4.44 30.05
CA SER A 397 20.56 -5.13 30.43
C SER A 397 20.87 -6.27 29.47
N ASP A 398 19.85 -6.92 28.91
CA ASP A 398 20.04 -7.93 27.90
C ASP A 398 20.25 -7.30 26.52
N GLU A 399 20.34 -5.97 26.47
CA GLU A 399 20.64 -5.18 25.27
C GLU A 399 19.47 -5.08 24.29
N THR A 400 18.28 -5.56 24.67
CA THR A 400 17.09 -5.18 23.94
C THR A 400 16.87 -3.68 24.16
N ILE A 401 16.36 -3.01 23.12
CA ILE A 401 16.01 -1.60 23.17
C ILE A 401 14.49 -1.50 23.08
N TRP A 402 13.83 -1.17 24.19
CA TRP A 402 12.38 -1.17 24.25
C TRP A 402 11.83 0.20 23.83
N LEU A 403 10.97 0.19 22.79
CA LEU A 403 10.46 1.40 22.16
C LEU A 403 9.03 1.69 22.64
N GLU A 404 8.76 2.98 22.87
CA GLU A 404 7.41 3.52 22.95
C GLU A 404 7.22 4.54 21.84
N PRO A 405 6.04 4.57 21.19
CA PRO A 405 5.75 5.52 20.11
C PRO A 405 5.29 6.90 20.59
N GLU A 406 5.44 7.87 19.69
CA GLU A 406 4.67 9.10 19.74
C GLU A 406 3.49 8.89 18.79
N VAL A 407 2.27 9.05 19.32
CA VAL A 407 1.06 8.88 18.53
C VAL A 407 0.82 10.16 17.73
N LEU A 408 0.62 10.01 16.43
CA LEU A 408 0.41 11.15 15.54
C LEU A 408 -1.06 11.33 15.22
N PHE A 409 -1.82 10.22 15.22
CA PHE A 409 -3.24 10.25 14.93
C PHE A 409 -3.91 9.00 15.50
N SER A 410 -5.07 9.17 16.14
CA SER A 410 -5.83 8.06 16.71
C SER A 410 -7.31 8.40 16.76
N GLY A 411 -8.14 7.60 16.07
CA GLY A 411 -9.57 7.78 16.05
C GLY A 411 -10.28 6.44 16.12
N PRO A 412 -11.39 6.30 16.88
CA PRO A 412 -12.01 4.99 17.14
C PRO A 412 -12.51 4.33 15.87
N ARG A 413 -11.79 3.28 15.44
CA ARG A 413 -12.09 2.57 14.21
C ARG A 413 -12.05 3.52 13.02
N GLN A 414 -11.33 4.65 13.16
CA GLN A 414 -11.10 5.59 12.08
C GLN A 414 -9.61 5.51 11.72
N ALA A 415 -9.31 4.78 10.64
CA ALA A 415 -7.94 4.53 10.25
C ALA A 415 -7.50 5.62 9.27
N PHE A 416 -6.36 6.24 9.56
CA PHE A 416 -5.56 6.94 8.56
C PHE A 416 -4.69 5.90 7.86
N GLU A 417 -5.09 5.53 6.62
CA GLU A 417 -4.46 4.40 5.94
C GLU A 417 -4.12 4.77 4.50
N PHE A 418 -3.53 3.81 3.77
CA PHE A 418 -3.06 4.04 2.41
C PHE A 418 -2.29 5.35 2.34
N PRO A 419 -1.25 5.55 3.19
CA PRO A 419 -0.56 6.83 3.27
C PRO A 419 0.26 7.14 2.01
N GLN A 420 0.28 8.42 1.67
CA GLN A 420 1.11 8.94 0.59
C GLN A 420 1.74 10.24 1.06
N ILE A 421 2.94 10.55 0.52
CA ILE A 421 3.63 11.79 0.79
C ILE A 421 4.08 12.37 -0.56
N ASN A 422 4.74 13.54 -0.49
CA ASN A 422 5.51 14.07 -1.61
C ASN A 422 6.79 13.24 -1.73
N TYR A 423 6.68 12.08 -2.39
CA TYR A 423 7.67 11.03 -2.32
C TYR A 423 8.98 11.43 -3.02
N GLN A 424 8.85 12.07 -4.19
CA GLN A 424 10.01 12.39 -5.03
C GLN A 424 11.01 13.24 -4.26
N LYS A 425 10.51 14.28 -3.57
CA LYS A 425 11.39 15.22 -2.90
C LYS A 425 11.54 14.90 -1.41
N TYR A 426 10.56 14.24 -0.78
CA TYR A 426 10.59 14.08 0.67
C TYR A 426 10.68 12.61 1.11
N GLY A 427 10.63 11.68 0.15
CA GLY A 427 10.82 10.27 0.47
C GLY A 427 12.20 10.05 1.08
N GLY A 428 12.25 9.42 2.26
CA GLY A 428 13.49 9.09 2.95
C GLY A 428 14.10 10.27 3.67
N LYS A 429 13.37 11.39 3.74
CA LYS A 429 13.91 12.68 4.17
C LYS A 429 13.00 13.32 5.21
N PRO A 430 13.54 14.27 6.02
CA PRO A 430 12.71 15.11 6.89
C PRO A 430 11.50 15.67 6.14
N TYR A 431 10.34 15.63 6.79
CA TYR A 431 9.07 15.97 6.13
C TYR A 431 8.04 16.39 7.17
N THR A 432 6.92 16.94 6.67
CA THR A 432 5.86 17.50 7.49
C THR A 432 4.49 16.90 7.19
N TYR A 433 4.21 16.48 5.94
CA TYR A 433 2.83 16.15 5.56
C TYR A 433 2.69 14.72 5.04
N ALA A 434 1.61 14.05 5.48
CA ALA A 434 1.14 12.82 4.86
C ALA A 434 -0.33 12.97 4.46
N TYR A 435 -0.71 12.26 3.39
CA TYR A 435 -2.09 12.19 2.92
C TYR A 435 -2.53 10.74 3.07
N GLY A 436 -3.81 10.54 3.36
CA GLY A 436 -4.29 9.18 3.60
C GLY A 436 -5.74 9.01 3.19
N LEU A 437 -6.13 7.74 3.06
CA LEU A 437 -7.50 7.33 2.93
C LEU A 437 -8.05 7.04 4.32
N GLY A 438 -9.17 7.67 4.67
CA GLY A 438 -9.81 7.46 5.96
C GLY A 438 -10.81 6.31 5.89
N LEU A 439 -10.58 5.28 6.71
CA LEU A 439 -11.45 4.12 6.80
C LEU A 439 -12.32 4.22 8.04
N ASN A 440 -13.64 4.04 7.84
CA ASN A 440 -14.64 4.08 8.90
C ASN A 440 -15.17 2.67 9.10
N HIS A 441 -14.67 1.96 10.13
CA HIS A 441 -14.95 0.55 10.32
C HIS A 441 -14.62 -0.22 9.04
N PHE A 442 -13.46 0.11 8.46
CA PHE A 442 -12.87 -0.54 7.29
C PHE A 442 -13.47 -0.04 5.98
N VAL A 443 -14.48 0.85 6.05
CA VAL A 443 -15.11 1.40 4.86
C VAL A 443 -14.44 2.74 4.51
N PRO A 444 -13.86 2.89 3.30
CA PRO A 444 -13.22 4.15 2.92
C PRO A 444 -14.24 5.26 2.63
N ASP A 445 -14.23 6.35 3.42
CA ASP A 445 -15.29 7.34 3.30
C ASP A 445 -14.78 8.78 3.37
N ARG A 446 -13.47 8.99 3.34
CA ARG A 446 -12.92 10.34 3.42
C ARG A 446 -11.45 10.32 3.04
N LEU A 447 -10.90 11.51 2.77
CA LEU A 447 -9.49 11.69 2.51
C LEU A 447 -8.94 12.60 3.60
N CYS A 448 -7.71 12.35 4.04
CA CYS A 448 -7.15 13.10 5.16
C CYS A 448 -5.76 13.62 4.82
N LYS A 449 -5.41 14.74 5.45
CA LYS A 449 -4.05 15.27 5.45
C LYS A 449 -3.63 15.43 6.90
N LEU A 450 -2.40 14.99 7.19
CA LEU A 450 -1.85 15.03 8.54
C LEU A 450 -0.55 15.81 8.51
N ASN A 451 -0.44 16.81 9.39
CA ASN A 451 0.83 17.42 9.73
C ASN A 451 1.43 16.56 10.83
N VAL A 452 2.54 15.87 10.51
CA VAL A 452 3.13 14.88 11.40
C VAL A 452 3.90 15.56 12.54
N LYS A 453 4.17 16.87 12.42
CA LYS A 453 4.84 17.62 13.47
C LYS A 453 3.84 18.25 14.44
N THR A 454 2.73 18.80 13.94
CA THR A 454 1.77 19.47 14.80
C THR A 454 0.56 18.59 15.13
N LYS A 455 0.34 17.53 14.32
CA LYS A 455 -0.76 16.59 14.48
C LYS A 455 -2.10 17.19 14.04
N GLU A 456 -2.05 18.37 13.41
CA GLU A 456 -3.24 18.93 12.81
C GLU A 456 -3.66 18.05 11.63
N THR A 457 -4.98 17.90 11.44
CA THR A 457 -5.51 17.18 10.29
C THR A 457 -6.49 18.04 9.51
N TRP A 458 -6.67 17.67 8.24
CA TRP A 458 -7.67 18.21 7.33
C TRP A 458 -8.42 17.04 6.72
N VAL A 459 -9.72 17.23 6.42
CA VAL A 459 -10.56 16.15 5.91
C VAL A 459 -11.36 16.65 4.72
N TRP A 460 -11.46 15.81 3.69
CA TRP A 460 -12.42 15.98 2.63
C TRP A 460 -13.38 14.80 2.69
N GLN A 461 -14.68 15.11 2.68
CA GLN A 461 -15.72 14.10 2.78
C GLN A 461 -17.02 14.62 2.21
N GLU A 462 -17.68 13.78 1.41
CA GLU A 462 -19.06 13.99 1.00
C GLU A 462 -19.85 12.72 1.32
N PRO A 463 -21.18 12.83 1.59
CA PRO A 463 -21.98 11.67 1.95
C PRO A 463 -22.05 10.66 0.81
N ASP A 464 -22.15 9.37 1.16
CA ASP A 464 -22.33 8.29 0.20
C ASP A 464 -21.27 8.39 -0.90
N SER A 465 -20.02 8.67 -0.48
CA SER A 465 -18.87 8.81 -1.36
C SER A 465 -17.69 8.04 -0.76
N TYR A 466 -17.10 7.17 -1.58
CA TYR A 466 -16.13 6.20 -1.12
C TYR A 466 -14.85 6.40 -1.93
N PRO A 467 -13.90 7.22 -1.42
CA PRO A 467 -12.66 7.53 -2.14
C PRO A 467 -11.63 6.41 -2.08
N SER A 468 -10.57 6.57 -2.90
CA SER A 468 -9.44 5.67 -2.94
C SER A 468 -8.24 6.38 -2.32
N GLU A 469 -7.14 5.63 -2.19
CA GLU A 469 -5.87 6.18 -1.76
C GLU A 469 -5.62 7.48 -2.51
N PRO A 470 -5.25 8.59 -1.80
CA PRO A 470 -4.86 9.84 -2.45
C PRO A 470 -3.41 9.81 -2.91
N ILE A 471 -3.16 10.15 -4.18
CA ILE A 471 -1.80 10.22 -4.70
C ILE A 471 -1.42 11.68 -4.89
N PHE A 472 -0.23 12.05 -4.39
CA PHE A 472 0.24 13.42 -4.44
C PHE A 472 1.00 13.66 -5.73
N VAL A 473 0.73 14.82 -6.36
CA VAL A 473 1.46 15.25 -7.55
C VAL A 473 1.98 16.66 -7.30
N SER A 474 3.30 16.82 -7.36
CA SER A 474 3.94 18.08 -7.08
C SER A 474 3.68 19.09 -8.21
N HIS A 475 3.40 20.34 -7.83
CA HIS A 475 3.49 21.46 -8.76
C HIS A 475 4.90 21.47 -9.33
N PRO A 476 5.10 21.59 -10.66
CA PRO A 476 6.44 21.60 -11.24
C PRO A 476 7.35 22.71 -10.70
N ASP A 477 6.79 23.75 -10.07
CA ASP A 477 7.56 24.87 -9.52
C ASP A 477 7.31 25.01 -8.01
N ALA A 478 7.00 23.88 -7.36
CA ALA A 478 6.73 23.86 -5.93
C ALA A 478 7.86 24.55 -5.16
N LEU A 479 7.49 25.39 -4.18
CA LEU A 479 8.45 25.88 -3.20
C LEU A 479 8.28 25.12 -1.89
N GLU A 480 7.04 24.75 -1.53
CA GLU A 480 6.78 24.07 -0.27
C GLU A 480 6.35 22.62 -0.52
N GLU A 481 6.44 21.82 0.56
CA GLU A 481 6.25 20.38 0.50
C GLU A 481 4.86 20.01 -0.02
N ASP A 482 3.86 20.86 0.26
CA ASP A 482 2.49 20.56 -0.12
C ASP A 482 2.01 21.47 -1.26
N ASP A 483 2.92 22.01 -2.08
CA ASP A 483 2.55 22.70 -3.30
C ASP A 483 2.24 21.64 -4.36
N GLY A 484 0.96 21.28 -4.49
CA GLY A 484 0.56 20.31 -5.51
C GLY A 484 -0.90 19.91 -5.32
N VAL A 485 -1.28 18.77 -5.89
CA VAL A 485 -2.65 18.28 -5.78
C VAL A 485 -2.61 16.82 -5.32
N VAL A 486 -3.73 16.33 -4.78
CA VAL A 486 -3.91 14.90 -4.61
C VAL A 486 -5.03 14.45 -5.54
N LEU A 487 -4.82 13.27 -6.14
CA LEU A 487 -5.79 12.59 -6.99
C LEU A 487 -6.38 11.39 -6.22
N SER A 488 -7.70 11.24 -6.31
CA SER A 488 -8.40 10.11 -5.71
C SER A 488 -9.56 9.71 -6.61
N VAL A 489 -9.76 8.40 -6.81
CA VAL A 489 -10.91 7.89 -7.52
C VAL A 489 -12.05 7.69 -6.51
N VAL A 490 -13.19 8.36 -6.75
CA VAL A 490 -14.31 8.35 -5.82
C VAL A 490 -15.49 7.59 -6.41
N VAL A 491 -16.04 6.66 -5.62
CA VAL A 491 -17.26 5.96 -5.98
C VAL A 491 -18.42 6.66 -5.26
N SER A 492 -19.37 7.17 -6.05
CA SER A 492 -20.52 7.91 -5.54
C SER A 492 -21.79 7.29 -6.10
N PRO A 493 -22.30 6.20 -5.50
CA PRO A 493 -23.42 5.44 -6.07
C PRO A 493 -24.84 5.97 -5.84
N GLY A 494 -24.99 7.16 -5.23
CA GLY A 494 -26.30 7.78 -5.00
C GLY A 494 -27.18 7.77 -6.25
N ALA A 495 -28.50 7.92 -6.02
CA ALA A 495 -29.50 7.60 -7.03
C ALA A 495 -29.39 8.54 -8.24
N GLY A 496 -29.48 9.85 -7.98
CA GLY A 496 -29.28 10.86 -9.01
C GLY A 496 -27.83 11.32 -9.07
N GLN A 497 -26.94 10.40 -9.46
CA GLN A 497 -25.50 10.62 -9.39
C GLN A 497 -24.82 9.90 -10.54
N LYS A 498 -23.83 10.56 -11.15
CA LYS A 498 -22.79 9.87 -11.89
C LYS A 498 -22.14 8.89 -10.92
N PRO A 499 -22.01 7.60 -11.28
CA PRO A 499 -21.54 6.58 -10.33
C PRO A 499 -20.11 6.74 -9.77
N ALA A 500 -19.24 7.50 -10.46
CA ALA A 500 -17.84 7.60 -10.06
C ALA A 500 -17.18 8.83 -10.66
N TYR A 501 -16.02 9.21 -10.10
CA TYR A 501 -15.29 10.37 -10.60
C TYR A 501 -13.86 10.44 -10.05
N LEU A 502 -12.99 11.02 -10.87
CA LEU A 502 -11.64 11.38 -10.46
C LEU A 502 -11.72 12.72 -9.74
N LEU A 503 -11.29 12.74 -8.48
CA LEU A 503 -11.31 13.94 -7.65
C LEU A 503 -9.90 14.53 -7.60
N ILE A 504 -9.79 15.84 -7.83
CA ILE A 504 -8.55 16.59 -7.69
C ILE A 504 -8.72 17.56 -6.54
N LEU A 505 -7.90 17.42 -5.48
CA LEU A 505 -7.90 18.36 -4.37
C LEU A 505 -6.60 19.16 -4.37
N ASN A 506 -6.70 20.39 -3.86
CA ASN A 506 -5.52 21.17 -3.53
C ASN A 506 -4.88 20.54 -2.28
N ALA A 507 -3.61 20.19 -2.38
CA ALA A 507 -2.88 19.57 -1.28
C ALA A 507 -2.72 20.50 -0.08
N LYS A 508 -2.84 21.82 -0.29
CA LYS A 508 -2.69 22.79 0.80
C LYS A 508 -3.74 22.57 1.88
N ASP A 509 -5.01 22.42 1.47
CA ASP A 509 -6.10 22.41 2.42
C ASP A 509 -7.17 21.36 2.09
N LEU A 510 -6.91 20.50 1.09
CA LEU A 510 -7.87 19.51 0.62
C LEU A 510 -9.16 20.15 0.10
N SER A 511 -9.07 21.37 -0.43
CA SER A 511 -10.22 22.00 -1.06
C SER A 511 -10.31 21.50 -2.51
N GLU A 512 -11.54 21.36 -3.00
CA GLU A 512 -11.76 20.76 -4.30
C GLU A 512 -11.29 21.73 -5.39
N VAL A 513 -10.58 21.19 -6.38
CA VAL A 513 -10.09 21.93 -7.53
C VAL A 513 -10.91 21.54 -8.75
N ALA A 514 -11.11 20.24 -8.95
CA ALA A 514 -11.89 19.75 -10.07
C ALA A 514 -12.36 18.33 -9.81
N ARG A 515 -13.11 17.80 -10.78
CA ARG A 515 -13.79 16.53 -10.69
C ARG A 515 -14.06 16.05 -12.11
N ALA A 516 -13.67 14.83 -12.45
CA ALA A 516 -13.91 14.29 -13.79
C ALA A 516 -14.83 13.08 -13.69
N GLU A 517 -16.12 13.29 -14.00
CA GLU A 517 -17.15 12.30 -13.77
C GLU A 517 -17.22 11.30 -14.93
N VAL A 518 -17.55 10.04 -14.60
CA VAL A 518 -17.76 9.00 -15.59
C VAL A 518 -19.09 8.32 -15.29
N GLU A 519 -19.64 7.64 -16.31
CA GLU A 519 -21.01 7.14 -16.24
C GLU A 519 -21.03 5.63 -16.02
N ILE A 520 -19.92 5.06 -15.51
CA ILE A 520 -19.87 3.65 -15.12
C ILE A 520 -19.35 3.52 -13.70
N ASN A 521 -19.61 2.36 -13.09
CA ASN A 521 -19.09 2.06 -11.78
C ASN A 521 -17.58 1.81 -11.89
N ILE A 522 -16.89 2.04 -10.78
CA ILE A 522 -15.49 1.75 -10.62
C ILE A 522 -15.36 1.00 -9.29
N PRO A 523 -14.76 -0.21 -9.27
CA PRO A 523 -14.56 -0.93 -8.02
C PRO A 523 -13.42 -0.35 -7.19
N VAL A 524 -13.19 -0.96 -6.03
CA VAL A 524 -12.10 -0.57 -5.15
C VAL A 524 -10.78 -0.69 -5.90
N THR A 525 -9.89 0.30 -5.69
CA THR A 525 -8.50 0.23 -6.12
C THR A 525 -7.60 0.46 -4.91
N PHE A 526 -6.42 -0.18 -4.91
CA PHE A 526 -5.55 -0.20 -3.74
C PHE A 526 -4.47 0.85 -3.88
N HIS A 527 -3.62 0.68 -4.91
CA HIS A 527 -2.44 1.52 -5.08
C HIS A 527 -2.21 1.88 -6.54
N GLY A 528 -1.33 2.87 -6.76
CA GLY A 528 -0.97 3.26 -8.10
C GLY A 528 0.12 4.33 -8.15
N LEU A 529 0.18 5.03 -9.29
CA LEU A 529 1.16 6.09 -9.46
C LEU A 529 0.61 7.13 -10.43
N PHE A 530 1.19 8.33 -10.38
CA PHE A 530 1.00 9.32 -11.41
C PHE A 530 2.23 9.34 -12.32
N LYS A 531 2.01 9.00 -13.59
CA LYS A 531 3.06 9.02 -14.60
C LYS A 531 3.02 10.35 -15.35
N LYS A 532 4.00 11.22 -15.08
CA LYS A 532 4.10 12.51 -15.77
C LYS A 532 4.49 12.29 -17.22
N SER A 533 3.95 13.13 -18.10
CA SER A 533 4.35 13.14 -19.50
C SER A 533 4.04 14.52 -20.08
FE FE2 B . -0.46 -1.73 0.43
S CXS C . 27.17 -4.29 14.86
O1 CXS C . 25.91 -4.32 13.98
O2 CXS C . 27.33 -5.56 15.52
O3 CXS C . 28.23 -3.71 14.10
C1 CXS C . 26.76 -3.13 16.14
C2 CXS C . 26.11 -3.76 17.34
C3 CXS C . 25.71 -2.73 18.37
N CXS C . 24.92 -3.35 19.44
C4 CXS C . 24.63 -2.48 20.59
C5 CXS C . 25.83 -2.39 21.53
C6 CXS C . 25.49 -1.63 22.80
C7 CXS C . 24.30 -2.25 23.50
C8 CXS C . 23.10 -2.25 22.58
C9 CXS C . 23.38 -3.00 21.29
C1 PLM D . -2.94 -3.12 0.18
O1 PLM D . -1.79 -3.00 -0.30
O2 PLM D . -3.92 -3.53 -0.46
C2 PLM D . -3.15 -2.73 1.63
C3 PLM D . -3.84 -3.78 2.43
C4 PLM D . -3.93 -3.43 3.90
C5 PLM D . -4.59 -2.11 4.18
C6 PLM D . -5.11 -1.97 5.58
C7 PLM D . -6.41 -2.67 5.83
C8 PLM D . -7.63 -1.86 5.47
C9 PLM D . -8.12 -2.03 4.05
CA PLM D . -9.57 -1.69 3.86
CB PLM D . -10.18 -2.33 2.66
CC PLM D . -11.27 -1.53 1.99
CD PLM D . -10.82 -0.23 1.38
CE PLM D . -9.68 -0.36 0.39
CF PLM D . -9.30 0.91 -0.35
CG PLM D . -10.43 1.68 -1.02
O SYL E . -1.26 -9.43 -2.08
C3 SYL E . -2.18 -10.44 -1.64
C2 SYL E . -2.67 -10.12 -0.23
C1 SYL E . -2.48 -8.65 0.15
N SYL E . -2.77 -7.71 -0.92
C SYL E . -2.90 -6.34 -0.40
C4 SYL E . -1.61 -11.84 -1.79
C16 SYL E . -0.56 -12.29 -1.01
C8 SYL E . -0.08 -13.59 -1.15
C7 SYL E . -0.68 -14.46 -2.04
C6 SYL E . -1.73 -14.02 -2.82
C5 SYL E . -2.19 -12.71 -2.70
O1 SYL E . 1.01 -14.01 -0.43
C9 SYL E . 2.17 -14.37 -1.20
C10 SYL E . 3.17 -15.06 -0.31
C15 SYL E . 3.73 -14.11 0.73
C14 SYL E . 4.82 -14.76 1.58
C13 SYL E . 5.94 -15.30 0.72
C12 SYL E . 5.41 -16.27 -0.31
C11 SYL E . 4.31 -15.62 -1.16
#